data_3SXU
#
_entry.id   3SXU
#
_cell.length_a   79.927
_cell.length_b   79.927
_cell.length_c   155.045
_cell.angle_alpha   90.00
_cell.angle_beta   90.00
_cell.angle_gamma   120.00
#
_symmetry.space_group_name_H-M   'P 61 2 2'
#
loop_
_entity.id
_entity.type
_entity.pdbx_description
1 polymer 'DNA polymerase III subunit chi'
2 polymer 'DNA polymerase III subunit psi'
3 polymer 'SSB peptide'
4 water water
#
loop_
_entity_poly.entity_id
_entity_poly.type
_entity_poly.pdbx_seq_one_letter_code
_entity_poly.pdbx_strand_id
1 'polypeptide(L)'
;GSHMKNATFYLLDNDTTVDGLSAVEQLVCEIAAERWRSGKRVLIACEDEKQAYRLDEALWARPAESFVPHNLAGEGPRGG
APVEIAWPQKRSSSRRDILISLRTSFADFATAFTEVVDFVPYEDSLKQLARERYKAYRVAGFNLNTATWK
;
A
2 'polypeptide(L)'
;MGTSRRDWQLQQLGITQWSLRRPGALQGEIAIAIPAHVRLVMVANDLPALTDPLVSDVLRALTVSPDQVLQLTPEKIAML
PQGSHCNSWRLGTDEPLSLEGAQVASPALTDLRANPTARAALWQQICTYEHDFFPRND
;
B
3 'polypeptide(L)' WDIPF C
#
# COMPACT_ATOMS: atom_id res chain seq x y z
N LYS A 5 18.13 8.43 -13.27
CA LYS A 5 17.54 7.10 -12.97
C LYS A 5 18.42 6.32 -12.00
N ASN A 6 17.82 5.89 -10.89
CA ASN A 6 18.54 5.17 -9.85
C ASN A 6 18.02 3.77 -9.64
N ALA A 7 18.95 2.82 -9.53
CA ALA A 7 18.61 1.44 -9.20
C ALA A 7 19.38 1.02 -7.95
N THR A 8 18.64 0.55 -6.96
CA THR A 8 19.20 0.16 -5.66
C THR A 8 18.99 -1.33 -5.44
N PHE A 9 20.09 -2.04 -5.18
CA PHE A 9 20.06 -3.45 -4.86
C PHE A 9 20.16 -3.64 -3.35
N TYR A 10 19.14 -4.23 -2.74
CA TYR A 10 19.20 -4.55 -1.32
C TYR A 10 19.85 -5.91 -1.10
N LEU A 11 20.84 -5.93 -0.21
CA LEU A 11 21.56 -7.16 0.11
C LEU A 11 20.87 -7.90 1.24
N LEU A 12 20.42 -9.13 0.96
CA LEU A 12 19.81 -9.96 1.98
C LEU A 12 20.90 -10.69 2.75
N ASP A 13 20.82 -10.69 4.09
CA ASP A 13 21.80 -11.38 4.93
C ASP A 13 21.31 -12.73 5.44
N ASN A 14 20.14 -13.15 4.95
CA ASN A 14 19.52 -14.41 5.32
C ASN A 14 18.55 -14.88 4.24
N ASP A 15 18.19 -16.16 4.27
CA ASP A 15 17.15 -16.70 3.40
C ASP A 15 16.02 -17.35 4.22
N THR A 16 15.79 -16.79 5.41
CA THR A 16 14.76 -17.30 6.32
C THR A 16 13.35 -17.10 5.76
N THR A 17 12.63 -18.20 5.62
CA THR A 17 11.25 -18.19 5.12
CA THR A 17 11.25 -18.17 5.13
C THR A 17 10.27 -18.06 6.30
N VAL A 18 9.22 -17.26 6.11
CA VAL A 18 8.18 -17.08 7.12
C VAL A 18 6.84 -17.05 6.40
N ASP A 19 5.90 -17.88 6.85
CA ASP A 19 4.53 -17.90 6.29
C ASP A 19 4.52 -18.10 4.77
N GLY A 20 5.41 -18.96 4.27
CA GLY A 20 5.49 -19.27 2.84
C GLY A 20 6.19 -18.21 2.00
N LEU A 21 6.71 -17.17 2.67
CA LEU A 21 7.33 -16.05 1.98
C LEU A 21 8.84 -16.13 2.06
N SER A 22 9.50 -15.92 0.93
CA SER A 22 10.97 -15.87 0.89
C SER A 22 11.44 -14.64 1.65
N ALA A 23 12.72 -14.62 2.03
CA ALA A 23 13.29 -13.45 2.70
C ALA A 23 13.14 -12.19 1.83
N VAL A 24 13.36 -12.35 0.53
CA VAL A 24 13.17 -11.25 -0.42
C VAL A 24 11.71 -10.76 -0.40
N GLU A 25 10.76 -11.70 -0.45
CA GLU A 25 9.33 -11.35 -0.46
C GLU A 25 8.93 -10.60 0.82
N GLN A 26 9.47 -11.02 1.96
CA GLN A 26 9.24 -10.32 3.23
C GLN A 26 9.76 -8.87 3.17
N LEU A 27 10.96 -8.70 2.61
CA LEU A 27 11.55 -7.38 2.47
C LEU A 27 10.74 -6.48 1.54
N VAL A 28 10.24 -7.05 0.44
CA VAL A 28 9.39 -6.33 -0.51
C VAL A 28 8.20 -5.67 0.22
N CYS A 29 7.58 -6.40 1.13
CA CYS A 29 6.44 -5.83 1.87
C CYS A 29 6.85 -4.57 2.64
N GLU A 30 7.99 -4.65 3.31
CA GLU A 30 8.49 -3.53 4.11
CA GLU A 30 8.51 -3.53 4.10
C GLU A 30 8.82 -2.31 3.23
N ILE A 31 9.46 -2.56 2.10
CA ILE A 31 9.87 -1.49 1.20
C ILE A 31 8.65 -0.86 0.49
N ALA A 32 7.75 -1.70 0.01
CA ALA A 32 6.49 -1.18 -0.60
C ALA A 32 5.72 -0.27 0.36
N ALA A 33 5.60 -0.70 1.62
CA ALA A 33 4.88 0.09 2.62
C ALA A 33 5.59 1.43 2.86
N GLU A 34 6.91 1.39 3.02
CA GLU A 34 7.69 2.61 3.28
C GLU A 34 7.58 3.59 2.11
N ARG A 35 7.64 3.08 0.88
CA ARG A 35 7.59 3.95 -0.29
C ARG A 35 6.19 4.55 -0.48
N TRP A 36 5.15 3.75 -0.28
CA TRP A 36 3.78 4.29 -0.34
C TRP A 36 3.56 5.36 0.74
N ARG A 37 4.08 5.13 1.94
CA ARG A 37 3.95 6.12 3.02
C ARG A 37 4.70 7.42 2.75
N SER A 38 5.71 7.36 1.87
CA SER A 38 6.46 8.55 1.45
C SER A 38 5.71 9.33 0.36
N GLY A 39 4.59 8.79 -0.09
CA GLY A 39 3.74 9.45 -1.08
C GLY A 39 3.84 8.91 -2.50
N LYS A 40 4.47 7.75 -2.66
CA LYS A 40 4.70 7.20 -4.00
C LYS A 40 3.67 6.15 -4.38
N ARG A 41 3.37 6.10 -5.67
CA ARG A 41 2.66 4.96 -6.24
C ARG A 41 3.70 3.92 -6.64
N VAL A 42 3.44 2.67 -6.27
CA VAL A 42 4.43 1.61 -6.35
C VAL A 42 3.97 0.51 -7.29
N LEU A 43 4.88 0.02 -8.12
CA LEU A 43 4.65 -1.20 -8.88
C LEU A 43 5.57 -2.29 -8.35
N ILE A 44 4.97 -3.44 -8.00
CA ILE A 44 5.77 -4.63 -7.68
C ILE A 44 5.69 -5.60 -8.85
N ALA A 45 6.82 -5.86 -9.48
CA ALA A 45 6.89 -6.74 -10.66
C ALA A 45 7.33 -8.14 -10.24
N CYS A 46 6.40 -9.08 -10.20
CA CYS A 46 6.71 -10.44 -9.78
C CYS A 46 7.20 -11.31 -10.93
N GLU A 47 7.93 -12.35 -10.57
CA GLU A 47 8.44 -13.31 -11.55
C GLU A 47 7.33 -14.17 -12.13
N ASP A 48 6.28 -14.40 -11.33
CA ASP A 48 5.18 -15.25 -11.75
C ASP A 48 3.88 -14.95 -11.00
N GLU A 49 2.80 -15.51 -11.52
CA GLU A 49 1.47 -15.29 -10.99
C GLU A 49 1.31 -15.72 -9.53
N LYS A 50 1.87 -16.88 -9.18
CA LYS A 50 1.79 -17.40 -7.82
C LYS A 50 2.47 -16.51 -6.81
N GLN A 51 3.59 -15.90 -7.20
CA GLN A 51 4.32 -14.97 -6.33
C GLN A 51 3.51 -13.69 -6.11
N ALA A 52 2.86 -13.21 -7.16
CA ALA A 52 1.94 -12.08 -7.04
C ALA A 52 0.84 -12.38 -6.02
N TYR A 53 0.25 -13.57 -6.09
CA TYR A 53 -0.80 -13.97 -5.15
C TYR A 53 -0.27 -13.98 -3.73
N ARG A 54 0.92 -14.53 -3.54
CA ARG A 54 1.54 -14.56 -2.20
C ARG A 54 1.70 -13.17 -1.61
N LEU A 55 2.18 -12.23 -2.43
CA LEU A 55 2.40 -10.85 -1.96
C LEU A 55 1.09 -10.09 -1.76
N ASP A 56 0.09 -10.39 -2.58
CA ASP A 56 -1.22 -9.75 -2.40
C ASP A 56 -1.79 -10.09 -1.02
N GLU A 57 -1.60 -11.33 -0.58
CA GLU A 57 -1.99 -11.72 0.79
C GLU A 57 -1.07 -11.08 1.83
N ALA A 58 0.23 -11.19 1.61
CA ALA A 58 1.22 -10.75 2.61
C ALA A 58 1.15 -9.26 2.93
N LEU A 59 0.89 -8.42 1.93
CA LEU A 59 0.87 -6.97 2.15
C LEU A 59 -0.29 -6.47 3.00
N TRP A 60 -1.28 -7.33 3.28
CA TRP A 60 -2.30 -7.01 4.26
C TRP A 60 -1.84 -7.27 5.70
N ALA A 61 -0.76 -8.02 5.83
CA ALA A 61 -0.25 -8.47 7.15
C ALA A 61 1.13 -7.92 7.51
N ARG A 62 1.91 -7.52 6.51
CA ARG A 62 3.30 -7.12 6.68
C ARG A 62 3.54 -5.82 5.94
N PRO A 63 4.06 -4.78 6.64
CA PRO A 63 4.31 -4.68 8.09
C PRO A 63 3.03 -4.86 8.89
N ALA A 64 3.17 -5.27 10.15
CA ALA A 64 2.00 -5.45 11.02
C ALA A 64 1.39 -4.11 11.40
N GLU A 65 0.12 -4.16 11.80
CA GLU A 65 -0.63 -3.00 12.30
CA GLU A 65 -0.61 -2.99 12.32
C GLU A 65 -0.64 -1.84 11.32
N SER A 66 -0.69 -2.18 10.03
CA SER A 66 -0.58 -1.21 8.95
C SER A 66 -1.65 -1.47 7.91
N PHE A 67 -2.13 -0.41 7.28
CA PHE A 67 -3.12 -0.52 6.21
C PHE A 67 -2.44 -0.02 4.94
N VAL A 68 -1.99 -0.95 4.10
CA VAL A 68 -1.29 -0.60 2.88
C VAL A 68 -2.16 -0.99 1.70
N PRO A 69 -2.82 0.00 1.07
CA PRO A 69 -3.81 -0.31 0.04
C PRO A 69 -3.12 -0.83 -1.21
N HIS A 70 -3.56 -1.99 -1.68
CA HIS A 70 -2.88 -2.64 -2.79
C HIS A 70 -3.80 -3.64 -3.45
N ASN A 71 -3.49 -3.95 -4.70
CA ASN A 71 -4.23 -4.96 -5.47
C ASN A 71 -3.33 -5.59 -6.50
N LEU A 72 -3.74 -6.76 -6.98
CA LEU A 72 -3.20 -7.32 -8.21
C LEU A 72 -3.51 -6.40 -9.39
N ALA A 73 -2.59 -6.31 -10.34
CA ALA A 73 -2.85 -5.58 -11.59
C ALA A 73 -4.15 -6.03 -12.23
N GLY A 74 -4.94 -5.05 -12.68
CA GLY A 74 -6.25 -5.32 -13.29
C GLY A 74 -7.38 -5.26 -12.29
N GLU A 75 -7.04 -5.22 -11.00
CA GLU A 75 -8.01 -5.11 -9.92
C GLU A 75 -7.83 -3.80 -9.15
N GLY A 76 -8.73 -3.53 -8.21
CA GLY A 76 -8.74 -2.27 -7.49
C GLY A 76 -9.43 -1.14 -8.23
N PRO A 77 -9.20 0.11 -7.79
CA PRO A 77 -9.90 1.25 -8.41
C PRO A 77 -9.30 1.64 -9.76
N ARG A 78 -9.99 2.53 -10.49
CA ARG A 78 -9.48 3.03 -11.75
C ARG A 78 -8.09 3.64 -11.58
N GLY A 79 -7.18 3.27 -12.47
CA GLY A 79 -5.80 3.70 -12.35
C GLY A 79 -5.00 2.80 -11.45
N GLY A 80 -5.65 1.79 -10.88
CA GLY A 80 -4.98 0.84 -10.00
C GLY A 80 -4.81 1.35 -8.57
N ALA A 81 -4.53 0.41 -7.66
CA ALA A 81 -4.28 0.72 -6.26
C ALA A 81 -2.96 1.46 -6.07
N PRO A 82 -2.77 2.13 -4.91
CA PRO A 82 -1.50 2.84 -4.69
C PRO A 82 -0.28 1.92 -4.83
N VAL A 83 -0.40 0.69 -4.34
CA VAL A 83 0.60 -0.34 -4.60
C VAL A 83 -0.05 -1.40 -5.49
N GLU A 84 0.56 -1.66 -6.64
CA GLU A 84 0.02 -2.65 -7.57
C GLU A 84 1.01 -3.78 -7.75
N ILE A 85 0.48 -4.99 -7.82
CA ILE A 85 1.29 -6.20 -7.93
C ILE A 85 1.02 -6.86 -9.29
N ALA A 86 2.05 -6.89 -10.14
CA ALA A 86 1.91 -7.44 -11.48
C ALA A 86 2.80 -8.67 -11.69
N TRP A 87 2.59 -9.37 -12.81
CA TRP A 87 3.42 -10.51 -13.19
C TRP A 87 3.59 -10.49 -14.72
N PRO A 88 4.52 -11.30 -15.27
CA PRO A 88 4.88 -11.17 -16.69
C PRO A 88 3.71 -11.14 -17.68
N GLN A 89 2.68 -11.95 -17.44
CA GLN A 89 1.52 -12.02 -18.33
C GLN A 89 0.67 -10.74 -18.31
N LYS A 90 0.82 -9.95 -17.25
CA LYS A 90 -0.15 -8.93 -16.89
C LYS A 90 0.30 -7.48 -17.15
N ARG A 91 -0.56 -6.75 -17.86
CA ARG A 91 -0.37 -5.32 -18.09
C ARG A 91 -0.58 -4.56 -16.78
N SER A 92 0.38 -3.72 -16.41
CA SER A 92 0.28 -2.92 -15.20
C SER A 92 -0.33 -1.55 -15.50
N SER A 93 -0.93 -0.94 -14.47
CA SER A 93 -1.43 0.42 -14.57
C SER A 93 -0.26 1.40 -14.55
N SER A 94 -0.41 2.51 -15.27
CA SER A 94 0.68 3.46 -15.44
C SER A 94 0.67 4.55 -14.36
N ARG A 95 1.54 5.54 -14.51
CA ARG A 95 1.67 6.66 -13.57
C ARG A 95 2.19 6.17 -12.22
N ARG A 96 3.25 5.37 -12.25
CA ARG A 96 3.86 4.86 -11.03
C ARG A 96 5.26 5.41 -10.86
N ASP A 97 5.65 5.60 -9.60
CA ASP A 97 6.87 6.34 -9.27
C ASP A 97 8.07 5.44 -9.03
N ILE A 98 7.81 4.24 -8.50
CA ILE A 98 8.88 3.33 -8.15
C ILE A 98 8.54 1.88 -8.51
N LEU A 99 9.53 1.19 -9.06
CA LEU A 99 9.41 -0.21 -9.38
C LEU A 99 10.19 -1.02 -8.36
N ILE A 100 9.53 -1.99 -7.75
CA ILE A 100 10.21 -2.99 -6.93
C ILE A 100 10.14 -4.29 -7.71
N SER A 101 11.29 -4.79 -8.15
CA SER A 101 11.32 -5.94 -9.07
C SER A 101 11.80 -7.24 -8.46
N LEU A 102 11.01 -8.28 -8.69
CA LEU A 102 11.34 -9.65 -8.28
CA LEU A 102 11.38 -9.64 -8.27
C LEU A 102 11.71 -10.50 -9.49
N ARG A 103 11.71 -9.88 -10.66
CA ARG A 103 12.04 -10.56 -11.92
C ARG A 103 13.47 -11.07 -11.88
N THR A 104 13.68 -12.32 -12.29
CA THR A 104 15.01 -12.92 -12.24
C THR A 104 15.95 -12.34 -13.30
N SER A 105 15.38 -11.84 -14.39
CA SER A 105 16.15 -11.11 -15.39
C SER A 105 15.66 -9.69 -15.54
N PHE A 106 16.57 -8.80 -15.91
CA PHE A 106 16.23 -7.41 -16.21
C PHE A 106 15.03 -7.33 -17.13
N ALA A 107 14.06 -6.50 -16.75
CA ALA A 107 12.84 -6.30 -17.51
C ALA A 107 12.94 -4.98 -18.25
N ASP A 108 12.65 -5.01 -19.55
CA ASP A 108 12.77 -3.82 -20.39
C ASP A 108 11.92 -2.64 -19.89
N PHE A 109 10.76 -2.93 -19.31
CA PHE A 109 9.88 -1.88 -18.80
C PHE A 109 10.46 -1.08 -17.62
N ALA A 110 11.52 -1.61 -17.01
CA ALA A 110 12.20 -0.93 -15.92
C ALA A 110 12.68 0.48 -16.30
N THR A 111 12.99 0.66 -17.58
CA THR A 111 13.47 1.94 -18.08
C THR A 111 12.40 3.04 -18.03
N ALA A 112 11.14 2.64 -17.85
CA ALA A 112 10.04 3.57 -17.66
C ALA A 112 10.10 4.28 -16.29
N PHE A 113 10.91 3.75 -15.38
CA PHE A 113 10.99 4.25 -13.99
C PHE A 113 12.28 5.00 -13.68
N THR A 114 12.17 6.05 -12.86
CA THR A 114 13.35 6.79 -12.39
C THR A 114 13.93 6.21 -11.10
N GLU A 115 13.13 5.38 -10.41
CA GLU A 115 13.59 4.69 -9.21
C GLU A 115 13.22 3.21 -9.30
N VAL A 116 14.23 2.35 -9.19
CA VAL A 116 14.02 0.91 -9.21
C VAL A 116 14.69 0.29 -7.99
N VAL A 117 14.01 -0.69 -7.40
CA VAL A 117 14.54 -1.48 -6.29
C VAL A 117 14.69 -2.91 -6.78
N ASP A 118 15.88 -3.49 -6.54
CA ASP A 118 16.14 -4.88 -6.88
C ASP A 118 16.86 -5.50 -5.69
N PHE A 119 17.28 -6.76 -5.81
CA PHE A 119 17.77 -7.52 -4.66
C PHE A 119 18.92 -8.45 -4.99
N VAL A 120 19.79 -8.66 -4.01
CA VAL A 120 20.77 -9.73 -4.05
C VAL A 120 20.38 -10.74 -3.00
N PRO A 121 19.72 -11.85 -3.43
CA PRO A 121 19.32 -12.88 -2.47
C PRO A 121 20.53 -13.50 -1.78
N TYR A 122 20.27 -14.12 -0.64
CA TYR A 122 21.33 -14.71 0.18
C TYR A 122 21.88 -16.01 -0.41
N GLU A 123 21.01 -16.82 -1.03
CA GLU A 123 21.41 -18.11 -1.61
C GLU A 123 22.47 -17.92 -2.71
N ASP A 124 23.55 -18.70 -2.62
CA ASP A 124 24.61 -18.64 -3.63
C ASP A 124 24.14 -18.93 -5.05
N SER A 125 23.19 -19.85 -5.18
CA SER A 125 22.67 -20.25 -6.49
C SER A 125 21.91 -19.14 -7.20
N LEU A 126 21.58 -18.07 -6.49
CA LEU A 126 20.86 -16.94 -7.06
C LEU A 126 21.75 -15.73 -7.36
N LYS A 127 23.03 -15.80 -6.97
CA LYS A 127 23.96 -14.69 -7.13
C LYS A 127 24.24 -14.34 -8.58
N GLN A 128 24.42 -15.35 -9.44
CA GLN A 128 24.71 -15.12 -10.85
C GLN A 128 23.61 -14.30 -11.53
N LEU A 129 22.36 -14.66 -11.28
CA LEU A 129 21.21 -13.91 -11.83
C LEU A 129 21.27 -12.45 -11.40
N ALA A 130 21.58 -12.22 -10.12
CA ALA A 130 21.64 -10.86 -9.58
C ALA A 130 22.76 -10.04 -10.23
N ARG A 131 23.89 -10.69 -10.48
CA ARG A 131 25.01 -10.03 -11.16
C ARG A 131 24.63 -9.62 -12.58
N GLU A 132 23.93 -10.51 -13.27
CA GLU A 132 23.45 -10.24 -14.63
C GLU A 132 22.48 -9.05 -14.68
N ARG A 133 21.54 -8.99 -13.73
CA ARG A 133 20.61 -7.85 -13.64
C ARG A 133 21.36 -6.54 -13.42
N TYR A 134 22.29 -6.55 -12.47
CA TYR A 134 23.10 -5.37 -12.11
C TYR A 134 23.80 -4.81 -13.35
N LYS A 135 24.38 -5.71 -14.15
CA LYS A 135 25.03 -5.35 -15.40
C LYS A 135 24.06 -4.65 -16.35
N ALA A 136 22.85 -5.21 -16.46
CA ALA A 136 21.86 -4.72 -17.41
C ALA A 136 21.29 -3.35 -17.03
N TYR A 137 21.13 -3.11 -15.73
CA TYR A 137 20.77 -1.78 -15.24
C TYR A 137 21.83 -0.75 -15.63
N ARG A 138 23.09 -1.14 -15.51
CA ARG A 138 24.21 -0.27 -15.88
C ARG A 138 24.17 0.11 -17.36
N VAL A 139 23.95 -0.89 -18.21
CA VAL A 139 23.87 -0.70 -19.68
C VAL A 139 22.70 0.21 -20.07
N ALA A 140 21.61 0.14 -19.30
CA ALA A 140 20.41 0.94 -19.55
C ALA A 140 20.50 2.36 -18.98
N GLY A 141 21.65 2.69 -18.38
CA GLY A 141 21.91 4.06 -17.94
C GLY A 141 21.49 4.39 -16.52
N PHE A 142 21.24 3.36 -15.70
CA PHE A 142 20.92 3.57 -14.30
C PHE A 142 22.15 3.85 -13.46
N ASN A 143 22.01 4.77 -12.51
N ASN A 143 22.01 4.77 -12.51
CA ASN A 143 22.98 4.96 -11.44
CA ASN A 143 23.00 4.96 -11.46
C ASN A 143 22.75 3.89 -10.40
C ASN A 143 22.75 3.88 -10.41
N LEU A 144 23.76 3.05 -10.18
CA LEU A 144 23.61 1.88 -9.30
C LEU A 144 24.18 2.06 -7.91
N ASN A 145 23.52 1.45 -6.92
CA ASN A 145 24.06 1.35 -5.56
C ASN A 145 23.56 0.09 -4.86
N THR A 146 24.30 -0.36 -3.85
CA THR A 146 23.85 -1.45 -3.01
C THR A 146 23.58 -0.91 -1.61
N ALA A 147 22.62 -1.49 -0.92
CA ALA A 147 22.25 -1.04 0.42
C ALA A 147 21.76 -2.19 1.28
N THR A 148 21.70 -1.93 2.58
CA THR A 148 21.10 -2.85 3.53
C THR A 148 19.91 -2.13 4.13
N TRP A 149 18.75 -2.79 4.07
CA TRP A 149 17.53 -2.22 4.61
C TRP A 149 17.59 -2.14 6.14
N LYS A 150 17.11 -1.02 6.69
CA LYS A 150 16.87 -0.94 8.13
C LYS A 150 15.41 -0.57 8.46
N ILE B 34 -21.33 21.16 9.03
CA ILE B 34 -20.03 20.66 8.50
C ILE B 34 -19.35 21.73 7.64
N PRO B 35 -18.13 22.16 8.03
CA PRO B 35 -17.37 23.16 7.27
C PRO B 35 -17.11 22.74 5.82
N ALA B 36 -16.95 23.73 4.95
CA ALA B 36 -16.67 23.49 3.53
C ALA B 36 -15.35 22.74 3.29
N HIS B 37 -14.37 22.96 4.15
N HIS B 37 -14.37 22.96 4.15
CA HIS B 37 -13.04 22.34 4.00
CA HIS B 37 -13.05 22.33 3.99
C HIS B 37 -13.03 20.85 4.33
C HIS B 37 -13.06 20.83 4.26
N VAL B 38 -14.02 20.39 5.09
CA VAL B 38 -14.10 18.98 5.52
C VAL B 38 -14.41 18.02 4.36
N ARG B 39 -13.63 16.94 4.27
CA ARG B 39 -13.76 15.96 3.21
C ARG B 39 -14.14 14.57 3.74
N LEU B 40 -14.00 14.38 5.05
CA LEU B 40 -14.35 13.12 5.70
C LEU B 40 -14.85 13.33 7.12
N VAL B 41 -15.97 12.69 7.43
CA VAL B 41 -16.47 12.63 8.79
C VAL B 41 -16.12 11.27 9.35
N MET B 42 -15.43 11.26 10.49
CA MET B 42 -15.07 10.01 11.15
C MET B 42 -15.93 9.86 12.39
N VAL B 43 -16.60 8.71 12.51
CA VAL B 43 -17.48 8.46 13.65
C VAL B 43 -17.07 7.22 14.45
N ALA B 44 -16.96 7.39 15.75
CA ALA B 44 -16.69 6.31 16.70
C ALA B 44 -17.16 6.75 18.08
N ASN B 45 -17.49 5.78 18.91
CA ASN B 45 -17.84 6.08 20.31
C ASN B 45 -16.62 6.61 21.06
N ASP B 46 -15.47 6.03 20.74
CA ASP B 46 -14.18 6.43 21.28
C ASP B 46 -13.30 6.87 20.11
N LEU B 47 -13.23 8.17 19.88
CA LEU B 47 -12.52 8.72 18.72
C LEU B 47 -11.02 8.59 18.88
N PRO B 48 -10.34 8.03 17.86
CA PRO B 48 -8.88 7.84 17.94
C PRO B 48 -8.12 9.14 17.64
N ALA B 49 -6.87 9.20 18.08
CA ALA B 49 -6.00 10.32 17.71
C ALA B 49 -5.81 10.32 16.20
N LEU B 50 -5.81 11.49 15.58
CA LEU B 50 -5.56 11.56 14.14
C LEU B 50 -4.12 11.16 13.79
N THR B 51 -3.24 11.17 14.78
CA THR B 51 -1.87 10.69 14.58
C THR B 51 -1.69 9.20 14.85
N ASP B 52 -2.77 8.49 15.17
CA ASP B 52 -2.71 7.02 15.23
C ASP B 52 -2.19 6.52 13.86
N PRO B 53 -1.12 5.71 13.84
CA PRO B 53 -0.51 5.31 12.55
C PRO B 53 -1.46 4.59 11.60
N LEU B 54 -2.38 3.80 12.16
CA LEU B 54 -3.34 3.08 11.35
C LEU B 54 -4.38 4.05 10.78
N VAL B 55 -4.82 5.00 11.60
CA VAL B 55 -5.71 6.07 11.13
C VAL B 55 -5.03 6.85 10.01
N SER B 56 -3.76 7.20 10.21
N SER B 56 -3.77 7.18 10.21
CA SER B 56 -2.96 7.88 9.19
CA SER B 56 -3.00 7.89 9.19
C SER B 56 -2.95 7.10 7.87
C SER B 56 -2.94 7.11 7.87
N ASP B 57 -2.73 5.80 7.95
CA ASP B 57 -2.69 4.93 6.77
C ASP B 57 -4.02 4.97 6.00
N VAL B 58 -5.14 4.86 6.73
CA VAL B 58 -6.45 4.89 6.09
C VAL B 58 -6.70 6.26 5.44
N LEU B 59 -6.38 7.33 6.16
CA LEU B 59 -6.53 8.67 5.58
C LEU B 59 -5.67 8.82 4.32
N ARG B 60 -4.43 8.32 4.37
CA ARG B 60 -3.54 8.37 3.21
C ARG B 60 -4.16 7.61 2.02
N ALA B 61 -4.73 6.44 2.28
CA ALA B 61 -5.40 5.62 1.26
C ALA B 61 -6.59 6.34 0.63
N LEU B 62 -7.32 7.10 1.46
CA LEU B 62 -8.47 7.88 0.99
C LEU B 62 -8.06 9.19 0.31
N THR B 63 -6.77 9.52 0.42
CA THR B 63 -6.20 10.79 -0.06
C THR B 63 -6.83 11.98 0.66
N VAL B 64 -7.09 11.80 1.95
CA VAL B 64 -7.66 12.84 2.79
C VAL B 64 -6.58 13.30 3.78
N SER B 65 -6.37 14.61 3.86
N SER B 65 -6.35 14.61 3.86
CA SER B 65 -5.47 15.17 4.85
CA SER B 65 -5.43 15.15 4.86
C SER B 65 -6.20 15.26 6.20
C SER B 65 -6.18 15.29 6.18
N PRO B 66 -5.49 15.01 7.32
CA PRO B 66 -6.14 15.03 8.64
C PRO B 66 -6.74 16.38 9.05
N ASP B 67 -6.29 17.47 8.44
CA ASP B 67 -6.93 18.76 8.69
C ASP B 67 -8.24 18.93 7.91
N GLN B 68 -8.61 17.91 7.12
CA GLN B 68 -9.88 17.88 6.38
C GLN B 68 -10.84 16.85 7.00
N VAL B 69 -10.53 16.37 8.20
CA VAL B 69 -11.35 15.37 8.89
C VAL B 69 -12.08 15.99 10.06
N LEU B 70 -13.39 15.72 10.14
CA LEU B 70 -14.17 16.09 11.29
C LEU B 70 -14.54 14.82 12.05
N GLN B 71 -14.09 14.74 13.30
CA GLN B 71 -14.36 13.58 14.15
C GLN B 71 -15.58 13.87 15.02
N LEU B 72 -16.58 12.99 14.93
CA LEU B 72 -17.81 13.17 15.70
C LEU B 72 -18.24 11.87 16.40
N THR B 73 -18.71 12.01 17.63
CA THR B 73 -19.38 10.90 18.31
C THR B 73 -20.79 10.77 17.74
N PRO B 74 -21.43 9.60 17.92
CA PRO B 74 -22.83 9.48 17.52
C PRO B 74 -23.73 10.60 18.07
N GLU B 75 -23.46 11.05 19.30
CA GLU B 75 -24.19 12.16 19.92
C GLU B 75 -24.14 13.46 19.11
N LYS B 76 -22.96 13.79 18.58
CA LYS B 76 -22.77 15.03 17.83
C LYS B 76 -23.34 14.93 16.42
N ILE B 77 -23.26 13.75 15.83
CA ILE B 77 -23.83 13.47 14.51
C ILE B 77 -25.32 13.85 14.47
N ALA B 78 -26.00 13.61 15.59
CA ALA B 78 -27.42 13.92 15.74
C ALA B 78 -27.71 15.41 15.65
N MET B 79 -26.71 16.23 15.98
CA MET B 79 -26.86 17.68 16.04
C MET B 79 -26.61 18.38 14.69
N LEU B 80 -26.16 17.62 13.69
CA LEU B 80 -25.86 18.18 12.37
C LEU B 80 -27.13 18.70 11.68
N PRO B 81 -27.00 19.73 10.82
CA PRO B 81 -28.15 20.18 10.04
C PRO B 81 -28.70 19.06 9.16
N GLN B 82 -30.00 19.05 8.92
CA GLN B 82 -30.61 18.03 8.09
C GLN B 82 -30.05 18.12 6.66
N GLY B 83 -29.90 16.95 6.03
CA GLY B 83 -29.39 16.89 4.68
C GLY B 83 -27.90 17.17 4.54
N SER B 84 -27.15 17.10 5.65
CA SER B 84 -25.70 17.27 5.61
C SER B 84 -25.11 16.21 4.67
N HIS B 85 -24.11 16.62 3.90
N HIS B 85 -24.05 16.59 3.95
CA HIS B 85 -23.43 15.72 2.96
CA HIS B 85 -23.46 15.72 2.93
C HIS B 85 -21.94 15.71 3.21
C HIS B 85 -21.92 15.68 3.01
N CYS B 86 -21.39 14.51 3.34
CA CYS B 86 -19.93 14.30 3.40
C CYS B 86 -19.65 12.81 3.41
N ASN B 87 -18.61 12.38 2.70
CA ASN B 87 -18.12 11.01 2.83
C ASN B 87 -17.81 10.73 4.29
N SER B 88 -17.95 9.47 4.72
CA SER B 88 -17.75 9.17 6.13
C SER B 88 -17.11 7.81 6.36
N TRP B 89 -16.50 7.65 7.52
CA TRP B 89 -15.89 6.40 7.96
C TRP B 89 -16.35 6.16 9.39
N ARG B 90 -17.13 5.10 9.59
CA ARG B 90 -17.54 4.73 10.92
CA ARG B 90 -17.60 4.67 10.90
C ARG B 90 -16.73 3.54 11.42
N LEU B 91 -16.32 3.63 12.69
CA LEU B 91 -15.53 2.58 13.32
C LEU B 91 -16.27 1.95 14.47
N GLY B 92 -16.55 0.65 14.34
CA GLY B 92 -17.26 -0.10 15.37
C GLY B 92 -18.63 0.45 15.69
N THR B 93 -19.25 1.11 14.71
CA THR B 93 -20.60 1.66 14.84
C THR B 93 -21.50 0.99 13.82
N ASP B 94 -22.46 0.21 14.30
CA ASP B 94 -23.30 -0.61 13.42
C ASP B 94 -24.37 0.20 12.67
N GLU B 95 -24.86 1.26 13.30
CA GLU B 95 -25.93 2.05 12.71
C GLU B 95 -25.42 3.03 11.65
N PRO B 96 -25.95 2.93 10.41
CA PRO B 96 -25.59 3.85 9.33
C PRO B 96 -25.89 5.29 9.71
N LEU B 97 -25.04 6.22 9.27
CA LEU B 97 -25.19 7.62 9.59
C LEU B 97 -26.31 8.25 8.75
N SER B 98 -26.94 9.27 9.32
CA SER B 98 -27.89 10.09 8.58
C SER B 98 -27.11 11.23 7.93
N LEU B 99 -26.22 10.85 7.02
CA LEU B 99 -25.33 11.75 6.34
C LEU B 99 -25.29 11.31 4.88
N GLU B 100 -25.40 12.25 3.96
CA GLU B 100 -25.30 11.94 2.54
C GLU B 100 -23.84 11.77 2.18
N GLY B 101 -23.55 10.86 1.25
CA GLY B 101 -22.18 10.58 0.82
C GLY B 101 -21.84 9.12 0.99
N ALA B 102 -20.70 8.72 0.45
CA ALA B 102 -20.20 7.36 0.62
C ALA B 102 -19.87 7.09 2.08
N GLN B 103 -20.45 6.01 2.62
CA GLN B 103 -20.19 5.59 3.99
C GLN B 103 -19.44 4.27 3.97
N VAL B 104 -18.20 4.28 4.46
CA VAL B 104 -17.50 3.04 4.71
C VAL B 104 -17.54 2.74 6.19
N ALA B 105 -17.54 1.45 6.52
CA ALA B 105 -17.68 1.01 7.88
C ALA B 105 -16.65 -0.05 8.16
N SER B 106 -15.96 0.10 9.29
CA SER B 106 -15.03 -0.91 9.71
C SER B 106 -15.37 -1.33 11.13
N PRO B 107 -14.83 -2.49 11.56
CA PRO B 107 -14.84 -2.80 12.96
C PRO B 107 -14.06 -1.76 13.74
N ALA B 108 -14.09 -1.86 15.06
CA ALA B 108 -13.30 -1.02 15.94
C ALA B 108 -11.84 -1.05 15.52
N LEU B 109 -11.12 0.03 15.83
CA LEU B 109 -9.73 0.17 15.45
C LEU B 109 -8.85 -0.99 15.95
N THR B 110 -9.14 -1.53 17.13
CA THR B 110 -8.34 -2.64 17.66
CA THR B 110 -8.38 -2.67 17.68
C THR B 110 -8.46 -3.90 16.79
N ASP B 111 -9.64 -4.12 16.20
CA ASP B 111 -9.83 -5.24 15.27
C ASP B 111 -9.08 -4.96 13.96
N LEU B 112 -9.24 -3.75 13.43
N LEU B 112 -9.25 -3.76 13.41
CA LEU B 112 -8.58 -3.33 12.20
CA LEU B 112 -8.55 -3.32 12.20
C LEU B 112 -7.05 -3.35 12.31
C LEU B 112 -7.04 -3.42 12.33
N ARG B 113 -6.53 -3.07 13.51
CA ARG B 113 -5.09 -3.09 13.76
C ARG B 113 -4.50 -4.50 13.80
N ALA B 114 -5.34 -5.47 14.14
CA ALA B 114 -4.86 -6.84 14.34
C ALA B 114 -5.16 -7.78 13.17
N ASN B 115 -6.17 -7.45 12.36
CA ASN B 115 -6.75 -8.42 11.41
C ASN B 115 -6.54 -8.07 9.94
N PRO B 116 -5.60 -8.76 9.26
CA PRO B 116 -5.40 -8.52 7.81
C PRO B 116 -6.71 -8.59 7.00
N THR B 117 -7.61 -9.49 7.36
CA THR B 117 -8.84 -9.63 6.57
C THR B 117 -9.79 -8.45 6.75
N ALA B 118 -9.81 -7.85 7.94
CA ALA B 118 -10.61 -6.65 8.18
C ALA B 118 -10.09 -5.49 7.33
N ARG B 119 -8.76 -5.41 7.21
CA ARG B 119 -8.16 -4.36 6.40
C ARG B 119 -8.49 -4.57 4.92
N ALA B 120 -8.34 -5.80 4.44
CA ALA B 120 -8.69 -6.10 3.05
C ALA B 120 -10.16 -5.79 2.75
N ALA B 121 -11.05 -6.10 3.70
CA ALA B 121 -12.47 -5.81 3.49
C ALA B 121 -12.73 -4.31 3.45
N LEU B 122 -12.06 -3.55 4.32
CA LEU B 122 -12.21 -2.10 4.32
C LEU B 122 -11.74 -1.51 2.99
N TRP B 123 -10.61 -1.98 2.46
CA TRP B 123 -10.13 -1.50 1.17
C TRP B 123 -11.12 -1.85 0.06
N GLN B 124 -11.69 -3.05 0.13
CA GLN B 124 -12.71 -3.44 -0.85
C GLN B 124 -13.90 -2.43 -0.83
N GLN B 125 -14.33 -2.05 0.38
CA GLN B 125 -15.42 -1.07 0.52
C GLN B 125 -15.10 0.25 -0.17
N ILE B 126 -13.91 0.76 0.12
CA ILE B 126 -13.40 1.99 -0.48
C ILE B 126 -13.37 1.89 -2.01
N CYS B 127 -12.91 0.75 -2.54
CA CYS B 127 -12.87 0.54 -3.99
C CYS B 127 -14.26 0.56 -4.64
N THR B 128 -15.24 -0.04 -3.98
CA THR B 128 -16.62 -0.05 -4.48
C THR B 128 -17.10 1.40 -4.63
N TYR B 129 -16.70 2.25 -3.69
CA TYR B 129 -17.09 3.67 -3.69
C TYR B 129 -16.00 4.61 -4.22
N GLU B 130 -15.20 4.10 -5.16
CA GLU B 130 -14.09 4.86 -5.73
C GLU B 130 -14.53 6.19 -6.39
N HIS B 131 -15.74 6.21 -6.94
CA HIS B 131 -16.29 7.42 -7.58
C HIS B 131 -16.45 8.55 -6.57
N ASP B 132 -16.78 8.20 -5.33
CA ASP B 132 -16.97 9.16 -4.25
C ASP B 132 -15.66 9.59 -3.59
N PHE B 133 -14.74 8.64 -3.39
CA PHE B 133 -13.48 8.94 -2.73
C PHE B 133 -12.38 9.45 -3.64
N PHE B 134 -12.42 9.03 -4.90
CA PHE B 134 -11.39 9.40 -5.87
C PHE B 134 -12.04 10.04 -7.11
N PRO B 135 -12.69 11.20 -6.95
CA PRO B 135 -13.35 11.80 -8.11
C PRO B 135 -12.38 12.47 -9.09
N ASP C 2 32.13 -2.55 -12.06
CA ASP C 2 32.53 -3.65 -11.14
C ASP C 2 31.41 -3.99 -10.16
N ILE C 3 31.03 -5.26 -10.13
CA ILE C 3 29.93 -5.74 -9.30
C ILE C 3 30.41 -5.97 -7.86
N PRO C 4 29.82 -5.26 -6.89
CA PRO C 4 30.26 -5.30 -5.48
C PRO C 4 29.66 -6.45 -4.65
N PHE C 5 29.26 -7.52 -5.32
CA PHE C 5 28.76 -8.73 -4.63
C PHE C 5 29.04 -10.00 -5.43
#